data_6EJ1
#
_entry.id   6EJ1
#
_cell.length_a   143.210
_cell.length_b   143.210
_cell.length_c   153.820
_cell.angle_alpha   90.000
_cell.angle_beta   90.000
_cell.angle_gamma   120.000
#
_symmetry.space_group_name_H-M   'P 65 2 2'
#
loop_
_entity.id
_entity.type
_entity.pdbx_description
1 polymer 'Lysine-specific demethylase 5B,Lysine-specific demethylase 5B'
2 non-polymer 'ZINC ION'
3 non-polymer 'MANGANESE (II) ION'
4 non-polymer 'DIMETHYL SULFOXIDE'
5 non-polymer 5-[1-[1-(2-chloranylethanoyl)piperidin-4-yl]pyrazol-4-yl]-7-oxidanylidene-6-propan-2-yl-4~{H}-pyrazolo[1,5-a]pyrimidine-3-carbonitrile
6 non-polymer 1,2-ETHANEDIOL
7 water water
#
_entity_poly.entity_id   1
_entity_poly.type   'polypeptide(L)'
_entity_poly.pdbx_seq_one_letter_code
;MFLPPPECPVFEPSWEEFADPFAFIHKIRPIAEQTGICKVRPPPDWQPPFACDVDKLHFTPRIQRLNELEAQTRGGGGGR
DYTLRTFGEMADAFKSDYFNMPVHMVPTELVEKEFWRLVSTIEEDVTVEYGADIASKEFGSGFPVRDGKIKLSPEEEEYL
DSGWNLNNMPVMEQSVLAHITADICGMKLPWLYVGMCFSSFCWHIEDHWSYSINYLHWGEPKTWYGVPGYAAEQLENVMK
KLAPELFVSQPDLLHQLVTIMNPNTLMTHEVPVYRTNQCAGEFVITFPRAYHSGFNQGFNFAEAVNFCTVDWLPLGRQCV
EHYRLLHRYCVFSHDEMICKMASKADVLDVVVASTVQKDMAIMIEDEKALRETVRKLGVIDSERMDFELLPDDERQCVKC
KTTCFMSAISCSCKPGLLVCLHHVKELCSCPPYKYKLRYRYTLDDLYPMMNALKLRAES
;
_entity_poly.pdbx_strand_id   A
#
loop_
_chem_comp.id
_chem_comp.type
_chem_comp.name
_chem_comp.formula
B7Q non-polymer 5-[1-[1-(2-chloranylethanoyl)piperidin-4-yl]pyrazol-4-yl]-7-oxidanylidene-6-propan-2-yl-4~{H}-pyrazolo[1,5-a]pyrimidine-3-carbonitrile 'C20 H22 Cl N7 O2'
DMS non-polymer 'DIMETHYL SULFOXIDE' 'C2 H6 O S'
EDO non-polymer 1,2-ETHANEDIOL 'C2 H6 O2'
MN non-polymer 'MANGANESE (II) ION' 'Mn 2'
ZN non-polymer 'ZINC ION' 'Zn 2'
#
# COMPACT_ATOMS: atom_id res chain seq x y z
N MET A 1 -23.12 -1.84 23.03
CA MET A 1 -22.73 -3.23 22.82
C MET A 1 -21.89 -3.44 21.55
N PHE A 2 -20.83 -4.24 21.67
CA PHE A 2 -19.95 -4.54 20.53
C PHE A 2 -19.86 -6.05 20.39
N LEU A 3 -20.17 -6.55 19.19
CA LEU A 3 -20.05 -7.97 18.91
C LEU A 3 -18.80 -8.20 18.08
N PRO A 4 -17.74 -8.77 18.64
CA PRO A 4 -16.47 -8.93 17.88
C PRO A 4 -16.67 -9.74 16.60
N PRO A 5 -16.11 -9.28 15.48
CA PRO A 5 -16.13 -10.08 14.24
C PRO A 5 -15.43 -11.42 14.43
N PRO A 6 -15.68 -12.38 13.55
CA PRO A 6 -14.94 -13.66 13.63
C PRO A 6 -13.45 -13.46 13.41
N GLU A 7 -12.67 -14.38 13.99
CA GLU A 7 -11.21 -14.32 13.86
C GLU A 7 -10.75 -14.64 12.44
N CYS A 8 -9.72 -13.94 11.97
CA CYS A 8 -9.15 -14.25 10.66
C CYS A 8 -8.25 -15.49 10.77
N PRO A 9 -7.81 -16.05 9.63
CA PRO A 9 -6.91 -17.23 9.67
C PRO A 9 -5.57 -16.92 10.31
N VAL A 10 -5.03 -17.92 11.01
CA VAL A 10 -3.69 -17.87 11.60
C VAL A 10 -2.87 -19.03 11.05
N PHE A 11 -1.68 -18.73 10.53
CA PHE A 11 -0.79 -19.72 9.95
C PHE A 11 0.47 -19.86 10.81
N GLU A 12 0.94 -21.10 10.95
CA GLU A 12 2.14 -21.40 11.73
C GLU A 12 3.07 -22.25 10.84
N PRO A 13 3.77 -21.61 9.90
CA PRO A 13 4.57 -22.38 8.94
C PRO A 13 5.75 -23.09 9.58
N SER A 14 6.08 -24.27 9.06
CA SER A 14 7.32 -24.95 9.42
C SER A 14 8.50 -24.17 8.85
N TRP A 15 9.71 -24.54 9.28
CA TRP A 15 10.85 -23.81 8.75
C TRP A 15 10.97 -24.00 7.25
N GLU A 16 10.69 -25.22 6.75
CA GLU A 16 10.73 -25.43 5.32
C GLU A 16 9.79 -24.49 4.58
N GLU A 17 8.54 -24.35 5.08
CA GLU A 17 7.55 -23.48 4.44
C GLU A 17 7.93 -22.01 4.59
N PHE A 18 8.51 -21.64 5.74
CA PHE A 18 8.82 -20.24 6.05
C PHE A 18 9.97 -19.72 5.20
N ALA A 19 10.87 -20.61 4.76
CA ALA A 19 12.10 -20.20 4.10
C ALA A 19 11.86 -19.23 2.95
N ASP A 20 10.81 -19.45 2.16
CA ASP A 20 10.53 -18.58 1.02
C ASP A 20 9.23 -17.81 1.20
N PRO A 21 9.28 -16.52 1.54
CA PRO A 21 8.02 -15.80 1.83
C PRO A 21 7.07 -15.75 0.62
N PHE A 22 7.60 -15.59 -0.59
CA PHE A 22 6.71 -15.49 -1.75
C PHE A 22 6.02 -16.82 -2.05
N ALA A 23 6.76 -17.94 -1.97
CA ALA A 23 6.14 -19.25 -2.11
C ALA A 23 5.06 -19.46 -1.06
N PHE A 24 5.31 -19.01 0.17
CA PHE A 24 4.34 -19.21 1.25
C PHE A 24 3.07 -18.38 1.01
N ILE A 25 3.23 -17.12 0.62
CA ILE A 25 2.08 -16.26 0.39
C ILE A 25 1.23 -16.79 -0.75
N HIS A 26 1.86 -17.37 -1.77
CA HIS A 26 1.12 -17.99 -2.87
C HIS A 26 0.36 -19.21 -2.36
N LYS A 27 0.97 -19.99 -1.48
CA LYS A 27 0.31 -21.17 -0.93
C LYS A 27 -0.98 -20.80 -0.19
N ILE A 28 -0.87 -19.87 0.78
CA ILE A 28 -2.04 -19.54 1.62
C ILE A 28 -3.07 -18.67 0.91
N ARG A 29 -2.76 -18.17 -0.27
CA ARG A 29 -3.64 -17.21 -0.94
C ARG A 29 -5.07 -17.71 -1.11
N PRO A 30 -5.34 -18.97 -1.47
CA PRO A 30 -6.75 -19.37 -1.62
C PRO A 30 -7.57 -19.17 -0.37
N ILE A 31 -6.98 -19.37 0.81
CA ILE A 31 -7.69 -19.16 2.08
C ILE A 31 -7.70 -17.68 2.46
N ALA A 32 -6.53 -17.04 2.50
CA ALA A 32 -6.42 -15.69 3.05
C ALA A 32 -7.12 -14.65 2.18
N GLU A 33 -7.23 -14.87 0.88
CA GLU A 33 -7.87 -13.86 0.05
C GLU A 33 -9.39 -13.81 0.27
N GLN A 34 -9.97 -14.87 0.86
CA GLN A 34 -11.38 -14.86 1.24
C GLN A 34 -11.65 -14.02 2.49
N THR A 35 -10.61 -13.67 3.25
CA THR A 35 -10.78 -12.90 4.48
C THR A 35 -10.04 -11.57 4.46
N GLY A 36 -9.26 -11.28 3.43
CA GLY A 36 -8.59 -9.97 3.33
C GLY A 36 -7.30 -9.84 4.12
N ILE A 37 -7.29 -10.24 5.40
CA ILE A 37 -6.09 -10.24 6.23
C ILE A 37 -5.89 -11.65 6.79
N CYS A 38 -4.65 -11.93 7.15
CA CYS A 38 -4.33 -13.15 7.89
C CYS A 38 -3.12 -12.88 8.78
N LYS A 39 -2.91 -13.75 9.76
CA LYS A 39 -1.78 -13.62 10.68
C LYS A 39 -0.80 -14.77 10.44
N VAL A 40 0.50 -14.47 10.55
CA VAL A 40 1.56 -15.47 10.39
C VAL A 40 2.45 -15.45 11.63
N ARG A 41 2.56 -16.60 12.30
N ARG A 41 2.56 -16.61 12.30
CA ARG A 41 3.50 -16.72 13.40
CA ARG A 41 3.48 -16.78 13.42
C ARG A 41 4.72 -17.48 12.94
C ARG A 41 4.73 -17.49 12.93
N PRO A 42 5.90 -16.86 12.99
CA PRO A 42 7.12 -17.52 12.46
C PRO A 42 7.50 -18.71 13.32
N PRO A 43 8.36 -19.59 12.80
CA PRO A 43 8.91 -20.69 13.62
C PRO A 43 9.50 -20.15 14.91
N PRO A 44 9.49 -20.95 15.99
CA PRO A 44 9.76 -20.38 17.33
C PRO A 44 11.16 -19.81 17.49
N ASP A 45 12.15 -20.29 16.75
CA ASP A 45 13.52 -19.79 16.88
C ASP A 45 13.89 -18.71 15.87
N TRP A 46 13.01 -18.36 14.92
CA TRP A 46 13.21 -17.15 14.11
C TRP A 46 12.91 -15.94 14.98
N GLN A 47 13.96 -15.32 15.52
CA GLN A 47 13.81 -14.18 16.44
C GLN A 47 14.85 -13.15 16.09
N PRO A 48 14.50 -12.18 15.25
CA PRO A 48 15.45 -11.11 14.92
C PRO A 48 15.72 -10.26 16.14
N PRO A 49 16.97 -9.89 16.39
CA PRO A 49 17.28 -9.10 17.60
C PRO A 49 16.82 -7.66 17.45
N PHE A 50 16.36 -7.07 18.55
CA PHE A 50 15.95 -5.66 18.55
C PHE A 50 16.93 -4.80 19.35
N ALA A 51 17.43 -3.73 18.71
CA ALA A 51 18.57 -2.97 19.21
C ALA A 51 18.28 -1.48 19.04
N CYS A 52 17.99 -0.78 20.15
CA CYS A 52 17.79 0.67 20.07
C CYS A 52 18.11 1.34 21.40
N ASP A 53 18.63 2.57 21.30
CA ASP A 53 18.77 3.49 22.44
C ASP A 53 17.52 4.35 22.51
N VAL A 54 16.75 4.21 23.59
CA VAL A 54 15.47 4.89 23.66
C VAL A 54 15.63 6.41 23.72
N ASP A 55 16.82 6.91 24.09
CA ASP A 55 17.05 8.34 24.26
C ASP A 55 17.59 9.03 23.02
N LYS A 56 18.09 8.30 22.04
CA LYS A 56 18.62 8.90 20.84
C LYS A 56 17.69 8.79 19.65
N LEU A 57 16.61 8.03 19.77
CA LEU A 57 15.59 7.97 18.73
C LEU A 57 14.56 9.07 19.00
N HIS A 58 14.38 9.96 18.03
N HIS A 58 14.77 10.67 17.83
CA HIS A 58 13.53 11.14 18.11
CA HIS A 58 13.57 11.44 18.10
C HIS A 58 12.48 11.04 17.00
C HIS A 58 12.53 11.20 17.00
N PHE A 59 11.29 11.57 17.24
CA PHE A 59 10.31 11.71 16.16
C PHE A 59 9.27 12.77 16.51
N THR A 60 8.68 13.34 15.46
CA THR A 60 7.64 14.36 15.60
C THR A 60 6.27 13.70 15.68
N PRO A 61 5.49 13.91 16.73
CA PRO A 61 4.24 13.18 16.88
C PRO A 61 3.11 13.76 16.04
N ARG A 62 2.25 12.86 15.56
CA ARG A 62 0.95 13.24 15.01
C ARG A 62 -0.13 13.13 16.07
N ILE A 63 -1.17 13.96 15.93
CA ILE A 63 -2.27 14.04 16.91
C ILE A 63 -3.58 13.64 16.23
N GLN A 64 -4.45 13.04 17.04
CA GLN A 64 -5.62 12.30 16.56
C GLN A 64 -6.78 12.50 17.52
N ARG A 65 -7.90 13.02 17.01
CA ARG A 65 -9.17 13.00 17.74
C ARG A 65 -9.93 11.74 17.33
N LEU A 66 -10.64 11.15 18.28
CA LEU A 66 -11.23 9.82 18.11
C LEU A 66 -12.74 9.91 18.03
N ASN A 67 -13.25 10.27 16.85
CA ASN A 67 -14.69 10.38 16.61
C ASN A 67 -15.08 9.56 15.39
N GLU A 68 -16.05 8.67 15.58
CA GLU A 68 -16.49 7.81 14.49
C GLU A 68 -17.09 8.66 13.37
N LEU A 69 -16.76 8.29 12.13
CA LEU A 69 -17.29 8.90 10.91
C LEU A 69 -16.75 10.30 10.65
N GLU A 70 -15.90 10.83 11.54
CA GLU A 70 -15.28 12.14 11.32
C GLU A 70 -14.11 11.98 10.35
N ALA A 71 -13.97 12.93 9.43
CA ALA A 71 -12.90 12.85 8.44
C ALA A 71 -11.54 13.16 9.07
N GLN A 72 -10.54 12.39 8.65
CA GLN A 72 -9.14 12.63 8.97
C GLN A 72 -8.34 12.59 7.67
N THR A 73 -7.20 13.30 7.65
CA THR A 73 -6.38 13.40 6.45
C THR A 73 -5.30 12.32 6.41
N ARG A 74 -4.94 11.89 5.20
CA ARG A 74 -3.93 10.82 5.02
C ARG A 74 -2.49 11.33 5.14
N ARG A 80 6.14 19.95 18.42
CA ARG A 80 6.50 19.08 19.53
C ARG A 80 7.53 18.04 19.07
N ASP A 81 8.12 17.32 20.02
CA ASP A 81 9.07 16.26 19.69
C ASP A 81 9.34 15.32 20.86
N TYR A 82 9.28 14.02 20.61
CA TYR A 82 9.41 12.99 21.64
C TYR A 82 10.65 12.15 21.38
N THR A 83 11.33 11.68 22.44
CA THR A 83 12.17 10.50 22.24
C THR A 83 11.31 9.26 22.44
N LEU A 84 11.85 8.12 22.02
CA LEU A 84 11.12 6.88 22.29
C LEU A 84 10.88 6.71 23.78
N ARG A 85 11.83 7.13 24.63
CA ARG A 85 11.60 7.06 26.06
C ARG A 85 10.48 8.00 26.51
N THR A 86 10.51 9.27 26.08
CA THR A 86 9.49 10.19 26.58
C THR A 86 8.10 9.85 26.02
N PHE A 87 8.02 9.38 24.78
CA PHE A 87 6.73 8.91 24.27
C PHE A 87 6.22 7.74 25.12
N GLY A 88 7.08 6.74 25.37
CA GLY A 88 6.65 5.61 26.17
C GLY A 88 6.14 6.01 27.54
N GLU A 89 6.83 6.96 28.20
CA GLU A 89 6.39 7.39 29.53
C GLU A 89 5.02 8.06 29.46
N MET A 90 4.80 8.91 28.43
CA MET A 90 3.49 9.50 28.22
C MET A 90 2.44 8.44 27.96
N ALA A 91 2.77 7.47 27.08
CA ALA A 91 1.80 6.45 26.66
C ALA A 91 1.36 5.57 27.81
N ASP A 92 2.32 5.16 28.67
CA ASP A 92 1.98 4.27 29.77
C ASP A 92 1.16 4.99 30.83
N ALA A 93 1.55 6.22 31.17
CA ALA A 93 0.74 7.03 32.09
C ALA A 93 -0.66 7.26 31.55
N PHE A 94 -0.79 7.55 30.25
CA PHE A 94 -2.12 7.74 29.66
C PHE A 94 -3.01 6.54 29.94
N LYS A 95 -2.52 5.35 29.61
CA LYS A 95 -3.35 4.15 29.71
C LYS A 95 -3.65 3.79 31.17
N SER A 96 -2.65 3.86 32.05
CA SER A 96 -2.95 3.44 33.42
C SER A 96 -3.84 4.45 34.13
N ASP A 97 -3.76 5.73 33.75
CA ASP A 97 -4.70 6.73 34.27
C ASP A 97 -6.10 6.54 33.69
N TYR A 98 -6.20 6.15 32.42
CA TYR A 98 -7.51 5.98 31.81
C TYR A 98 -8.31 4.89 32.51
N PHE A 99 -7.65 3.79 32.88
CA PHE A 99 -8.36 2.65 33.45
C PHE A 99 -8.19 2.53 34.95
N ASN A 100 -7.38 3.39 35.59
CA ASN A 100 -6.97 3.21 36.98
C ASN A 100 -6.51 1.77 37.28
N MET A 101 -5.69 1.22 36.38
CA MET A 101 -5.15 -0.13 36.51
C MET A 101 -3.70 -0.14 36.04
N PRO A 102 -2.91 -1.14 36.44
CA PRO A 102 -1.63 -1.37 35.74
C PRO A 102 -1.89 -1.88 34.33
N VAL A 103 -0.93 -1.63 33.45
CA VAL A 103 -1.19 -1.72 32.00
C VAL A 103 -1.42 -3.15 31.54
N HIS A 104 -0.71 -4.12 32.11
CA HIS A 104 -0.79 -5.53 31.74
C HIS A 104 -2.01 -6.23 32.28
N MET A 105 -2.80 -5.55 33.08
CA MET A 105 -3.99 -6.14 33.65
C MET A 105 -5.24 -5.66 32.96
N VAL A 106 -5.11 -4.75 31.99
CA VAL A 106 -6.26 -4.33 31.19
C VAL A 106 -6.50 -5.36 30.09
N PRO A 107 -7.55 -6.17 30.21
CA PRO A 107 -7.86 -7.17 29.18
C PRO A 107 -8.03 -6.56 27.79
N THR A 108 -7.53 -7.27 26.76
CA THR A 108 -7.62 -6.71 25.40
C THR A 108 -9.07 -6.59 24.94
N GLU A 109 -9.95 -7.48 25.42
CA GLU A 109 -11.37 -7.38 25.05
C GLU A 109 -12.00 -6.13 25.65
N LEU A 110 -11.52 -5.69 26.81
CA LEU A 110 -12.03 -4.48 27.44
C LEU A 110 -11.54 -3.24 26.70
N VAL A 111 -10.26 -3.22 26.31
CA VAL A 111 -9.78 -2.11 25.49
C VAL A 111 -10.59 -2.00 24.20
N GLU A 112 -10.87 -3.14 23.54
CA GLU A 112 -11.64 -3.12 22.30
C GLU A 112 -13.06 -2.58 22.52
N LYS A 113 -13.76 -3.12 23.53
CA LYS A 113 -15.09 -2.62 23.87
C LYS A 113 -15.07 -1.11 24.11
N GLU A 114 -14.11 -0.66 24.92
CA GLU A 114 -14.05 0.75 25.29
C GLU A 114 -13.72 1.63 24.10
N PHE A 115 -12.89 1.14 23.18
CA PHE A 115 -12.55 1.93 22.00
C PHE A 115 -13.80 2.26 21.20
N TRP A 116 -14.66 1.26 20.97
CA TRP A 116 -15.85 1.52 20.16
C TRP A 116 -16.91 2.32 20.94
N ARG A 117 -16.95 2.21 22.27
CA ARG A 117 -17.81 3.15 23.02
C ARG A 117 -17.30 4.57 22.85
N LEU A 118 -16.01 4.78 23.09
CA LEU A 118 -15.42 6.12 23.11
C LEU A 118 -15.61 6.86 21.78
N VAL A 119 -15.39 6.18 20.64
CA VAL A 119 -15.43 6.87 19.35
C VAL A 119 -16.86 7.22 18.93
N SER A 120 -17.87 6.59 19.52
CA SER A 120 -19.24 6.82 19.14
C SER A 120 -19.94 7.86 20.01
N THR A 121 -19.36 8.18 21.18
CA THR A 121 -19.92 9.16 22.11
C THR A 121 -19.35 10.54 21.81
N ILE A 122 -20.20 11.51 21.46
CA ILE A 122 -19.67 12.84 21.20
C ILE A 122 -19.36 13.57 22.50
N GLU A 123 -19.89 13.10 23.63
CA GLU A 123 -19.59 13.67 24.94
C GLU A 123 -18.13 13.46 25.37
N GLU A 124 -17.37 12.63 24.67
CA GLU A 124 -15.98 12.35 25.02
C GLU A 124 -15.06 13.06 24.04
N ASP A 125 -14.07 13.77 24.57
CA ASP A 125 -13.09 14.47 23.73
C ASP A 125 -11.69 13.91 23.92
N VAL A 126 -11.51 12.65 23.57
CA VAL A 126 -10.24 11.94 23.77
C VAL A 126 -9.35 12.19 22.56
N THR A 127 -8.14 12.70 22.81
CA THR A 127 -7.14 12.81 21.75
C THR A 127 -5.89 12.04 22.15
N VAL A 128 -5.23 11.45 21.15
CA VAL A 128 -4.04 10.64 21.36
C VAL A 128 -3.00 11.04 20.31
N GLU A 129 -1.78 10.55 20.51
CA GLU A 129 -0.64 10.85 19.63
C GLU A 129 0.02 9.56 19.17
N TYR A 130 0.81 9.65 18.11
CA TYR A 130 1.48 8.45 17.61
C TYR A 130 2.57 8.90 16.65
N GLY A 131 3.43 7.97 16.28
CA GLY A 131 4.45 8.20 15.28
C GLY A 131 4.20 7.37 14.03
N ALA A 132 4.41 7.99 12.87
CA ALA A 132 4.31 7.27 11.59
C ALA A 132 5.20 7.98 10.57
N ASP A 133 6.23 7.29 10.06
CA ASP A 133 7.17 7.85 9.10
C ASP A 133 7.99 6.73 8.48
N ILE A 134 8.57 6.99 7.30
CA ILE A 134 9.55 6.06 6.75
C ILE A 134 10.87 6.21 7.49
N ALA A 135 11.73 5.21 7.37
CA ALA A 135 13.02 5.24 8.06
C ALA A 135 13.90 6.40 7.58
N SER A 136 14.75 6.91 8.47
CA SER A 136 15.75 7.93 8.15
C SER A 136 16.99 7.80 9.04
N LYS A 137 17.66 8.91 9.40
CA LYS A 137 18.89 8.81 10.19
C LYS A 137 18.60 8.75 11.69
N GLU A 138 17.64 9.54 12.17
CA GLU A 138 16.61 9.04 13.08
C GLU A 138 15.45 8.83 12.13
N PHE A 139 14.85 7.64 12.09
CA PHE A 139 14.60 6.73 13.19
C PHE A 139 15.26 5.37 12.93
N GLY A 140 14.94 4.78 11.80
CA GLY A 140 15.68 3.60 11.41
C GLY A 140 14.87 2.31 11.56
N SER A 141 15.09 1.39 10.62
CA SER A 141 14.42 0.10 10.65
C SER A 141 14.66 -0.62 11.97
N GLY A 142 13.65 -1.35 12.44
CA GLY A 142 13.90 -2.25 13.56
C GLY A 142 14.61 -3.53 13.18
N PHE A 143 14.76 -3.82 11.85
CA PHE A 143 15.52 -4.97 11.38
C PHE A 143 16.99 -4.61 11.17
N PRO A 144 17.90 -5.61 11.20
CA PRO A 144 19.31 -5.31 10.91
C PRO A 144 19.49 -4.84 9.48
N VAL A 145 20.32 -3.81 9.31
CA VAL A 145 20.70 -3.30 7.99
C VAL A 145 22.22 -3.14 7.94
N ARG A 146 22.76 -3.10 6.74
CA ARG A 146 24.20 -2.91 6.57
C ARG A 146 24.57 -1.43 6.72
N ASP A 147 25.72 -1.19 7.36
CA ASP A 147 26.26 0.15 7.55
C ASP A 147 27.72 0.07 8.01
N GLY A 148 28.61 0.79 7.34
CA GLY A 148 30.01 0.82 7.70
C GLY A 148 30.36 1.92 8.69
N ILE A 150 28.66 0.63 11.88
CA ILE A 150 28.65 -0.26 13.03
C ILE A 150 29.13 -1.64 12.62
N LYS A 151 29.81 -2.35 13.54
CA LYS A 151 30.03 -3.78 13.40
C LYS A 151 28.84 -4.52 14.00
N LEU A 152 28.25 -5.42 13.21
CA LEU A 152 27.08 -6.19 13.65
C LEU A 152 27.52 -7.47 14.35
N SER A 153 26.72 -7.91 15.31
CA SER A 153 26.92 -9.21 15.94
C SER A 153 26.57 -10.32 14.94
N PRO A 154 27.14 -11.53 15.12
CA PRO A 154 26.78 -12.63 14.22
C PRO A 154 25.28 -12.90 14.21
N GLU A 155 24.59 -12.65 15.34
CA GLU A 155 23.15 -12.86 15.39
C GLU A 155 22.42 -11.87 14.47
N GLU A 156 22.83 -10.60 14.48
CA GLU A 156 22.26 -9.63 13.54
C GLU A 156 22.59 -9.99 12.10
N GLU A 157 23.80 -10.51 11.85
CA GLU A 157 24.19 -10.86 10.49
C GLU A 157 23.32 -12.00 9.95
N GLU A 158 22.89 -12.91 10.83
CA GLU A 158 21.99 -13.99 10.44
C GLU A 158 20.71 -13.47 9.78
N TYR A 159 20.22 -12.31 10.20
CA TYR A 159 18.93 -11.82 9.72
C TYR A 159 19.08 -10.75 8.64
N LEU A 160 20.31 -10.44 8.22
CA LEU A 160 20.51 -9.36 7.26
C LEU A 160 19.83 -9.67 5.94
N ASP A 161 19.91 -10.91 5.51
CA ASP A 161 19.45 -11.29 4.18
C ASP A 161 18.16 -12.08 4.24
N SER A 162 17.50 -12.10 5.40
CA SER A 162 16.27 -12.88 5.51
C SER A 162 15.19 -12.36 4.58
N GLY A 163 14.44 -13.27 3.99
CA GLY A 163 13.30 -12.85 3.17
C GLY A 163 12.25 -12.09 3.96
N TRP A 164 12.15 -12.33 5.27
CA TRP A 164 11.16 -11.68 6.11
C TRP A 164 11.68 -10.43 6.81
N ASN A 165 12.96 -10.08 6.62
CA ASN A 165 13.45 -8.75 6.95
C ASN A 165 12.77 -7.80 5.96
N LEU A 166 11.92 -6.89 6.45
CA LEU A 166 11.09 -6.14 5.52
C LEU A 166 11.88 -5.18 4.64
N ASN A 167 13.17 -4.96 4.93
CA ASN A 167 14.00 -4.19 3.99
C ASN A 167 14.33 -4.98 2.72
N ASN A 168 14.37 -6.31 2.80
CA ASN A 168 14.77 -7.16 1.69
C ASN A 168 13.60 -7.53 0.78
N MET A 169 12.42 -7.71 1.35
CA MET A 169 11.25 -8.19 0.63
C MET A 169 11.00 -7.46 -0.69
N PRO A 170 11.08 -6.13 -0.77
CA PRO A 170 10.82 -5.48 -2.08
C PRO A 170 11.84 -5.82 -3.16
N VAL A 171 13.11 -5.98 -2.82
CA VAL A 171 14.12 -6.07 -3.85
C VAL A 171 14.42 -7.52 -4.17
N MET A 172 13.59 -8.43 -3.67
CA MET A 172 13.78 -9.82 -4.06
C MET A 172 13.28 -10.06 -5.49
N GLU A 173 13.63 -11.22 -6.05
CA GLU A 173 13.41 -11.46 -7.47
C GLU A 173 11.96 -11.84 -7.79
N GLN A 174 11.22 -12.39 -6.83
CA GLN A 174 9.79 -12.64 -7.05
C GLN A 174 8.93 -11.40 -6.84
N SER A 175 9.51 -10.28 -6.43
CA SER A 175 8.78 -9.01 -6.41
C SER A 175 8.91 -8.29 -7.75
N VAL A 176 7.83 -7.63 -8.18
CA VAL A 176 7.81 -6.97 -9.49
C VAL A 176 8.14 -5.49 -9.34
N LEU A 177 7.81 -4.90 -8.19
CA LEU A 177 8.27 -3.55 -7.87
C LEU A 177 9.79 -3.49 -7.70
N ALA A 178 10.49 -4.60 -7.90
CA ALA A 178 11.93 -4.67 -7.71
C ALA A 178 12.63 -3.73 -8.68
N HIS A 179 12.75 -4.15 -9.95
CA HIS A 179 13.54 -3.45 -10.95
C HIS A 179 12.98 -2.07 -11.31
N ILE A 180 11.88 -1.59 -10.72
CA ILE A 180 11.50 -0.19 -10.91
C ILE A 180 12.65 0.70 -10.44
N THR A 181 12.89 1.79 -11.17
CA THR A 181 13.92 2.73 -10.81
C THR A 181 13.41 4.14 -10.56
N ALA A 182 12.16 4.44 -10.91
CA ALA A 182 11.54 5.68 -10.44
C ALA A 182 11.48 5.64 -8.92
N ASP A 183 12.31 6.44 -8.24
CA ASP A 183 12.27 6.46 -6.79
C ASP A 183 10.89 6.87 -6.32
N ILE A 184 10.16 5.93 -5.75
CA ILE A 184 8.80 6.17 -5.28
C ILE A 184 8.77 6.56 -3.80
N CYS A 185 9.76 6.09 -3.03
CA CYS A 185 9.87 6.27 -1.58
C CYS A 185 8.72 5.61 -0.83
N GLY A 186 7.47 5.94 -1.19
CA GLY A 186 6.31 5.47 -0.46
C GLY A 186 6.07 3.96 -0.55
N MET A 187 6.67 3.29 -1.53
CA MET A 187 6.28 1.92 -1.86
C MET A 187 7.41 0.90 -1.99
N LYS A 188 8.67 1.30 -1.83
CA LYS A 188 9.74 0.34 -1.65
C LYS A 188 10.36 0.41 -0.27
N LEU A 189 9.99 1.41 0.53
CA LEU A 189 10.63 1.69 1.79
C LEU A 189 9.66 1.43 2.94
N PRO A 190 10.12 0.75 4.00
CA PRO A 190 9.22 0.47 5.12
C PRO A 190 8.83 1.72 5.88
N TRP A 191 7.63 1.64 6.48
CA TRP A 191 7.14 2.64 7.41
C TRP A 191 7.31 2.11 8.83
N LEU A 192 7.60 3.01 9.76
CA LEU A 192 7.73 2.72 11.18
C LEU A 192 6.56 3.36 11.93
N TYR A 193 5.98 2.61 12.87
CA TYR A 193 4.75 3.03 13.57
C TYR A 193 4.93 2.87 15.08
N VAL A 194 4.92 3.99 15.80
CA VAL A 194 5.04 3.96 17.26
C VAL A 194 3.64 4.22 17.84
N GLY A 195 3.05 3.21 18.48
CA GLY A 195 1.67 3.30 18.93
C GLY A 195 1.52 3.55 20.42
N MET A 196 0.33 4.03 20.80
CA MET A 196 -0.12 4.17 22.18
C MET A 196 -1.59 3.68 22.23
N CYS A 197 -2.09 3.42 23.44
CA CYS A 197 -3.48 2.98 23.63
C CYS A 197 -4.47 3.87 22.87
N PHE A 198 -5.28 3.25 22.01
CA PHE A 198 -6.36 3.84 21.20
C PHE A 198 -5.85 4.60 19.97
N SER A 199 -4.54 4.75 19.73
CA SER A 199 -4.13 5.35 18.47
C SER A 199 -4.57 4.39 17.36
N SER A 200 -5.13 4.93 16.26
CA SER A 200 -5.80 4.05 15.32
C SER A 200 -5.48 4.41 13.87
N PHE A 201 -5.59 3.41 12.99
CA PHE A 201 -5.50 3.62 11.56
C PHE A 201 -6.88 3.47 10.94
N CYS A 202 -7.28 4.46 10.13
CA CYS A 202 -8.61 4.49 9.52
C CYS A 202 -8.74 3.47 8.39
N TRP A 203 -9.99 3.22 7.99
CA TRP A 203 -10.25 2.27 6.91
C TRP A 203 -9.59 2.73 5.61
N HIS A 204 -8.80 1.83 4.99
CA HIS A 204 -8.16 2.14 3.72
C HIS A 204 -7.75 0.86 2.99
N ILE A 205 -7.39 1.03 1.72
CA ILE A 205 -6.65 0.04 0.94
C ILE A 205 -5.33 0.68 0.48
N GLU A 206 -4.37 -0.16 0.08
CA GLU A 206 -3.04 0.35 -0.26
C GLU A 206 -3.01 0.94 -1.67
N ASP A 207 -2.05 1.84 -1.92
CA ASP A 207 -1.91 2.44 -3.23
C ASP A 207 -1.72 1.34 -4.29
N HIS A 208 -2.36 1.51 -5.44
CA HIS A 208 -2.30 0.56 -6.55
C HIS A 208 -2.74 -0.86 -6.15
N TRP A 209 -3.56 -0.98 -5.09
CA TRP A 209 -4.10 -2.28 -4.66
C TRP A 209 -3.00 -3.29 -4.33
N SER A 210 -1.88 -2.82 -3.81
CA SER A 210 -0.77 -3.72 -3.51
C SER A 210 -1.05 -4.55 -2.26
N TYR A 211 -0.27 -5.63 -2.10
CA TYR A 211 -0.20 -6.30 -0.80
C TYR A 211 0.47 -5.38 0.23
N SER A 212 0.27 -5.69 1.53
CA SER A 212 1.15 -5.15 2.57
C SER A 212 1.45 -6.23 3.60
N ILE A 213 2.60 -6.07 4.26
CA ILE A 213 3.02 -6.98 5.33
C ILE A 213 3.50 -6.12 6.50
N ASN A 214 3.04 -6.44 7.70
N ASN A 214 3.05 -6.45 7.70
CA ASN A 214 3.29 -5.66 8.91
CA ASN A 214 3.27 -5.64 8.90
C ASN A 214 3.89 -6.58 9.96
C ASN A 214 3.84 -6.53 10.00
N TYR A 215 4.99 -6.15 10.57
CA TYR A 215 5.65 -6.89 11.66
C TYR A 215 5.62 -6.07 12.94
N LEU A 216 5.15 -6.68 14.04
CA LEU A 216 5.14 -6.02 15.35
C LEU A 216 6.43 -6.40 16.10
N HIS A 217 7.36 -5.44 16.24
CA HIS A 217 8.66 -5.75 16.84
C HIS A 217 8.53 -6.02 18.35
N TRP A 218 7.77 -5.20 19.08
CA TRP A 218 7.64 -5.35 20.52
C TRP A 218 6.49 -4.48 21.01
N GLY A 219 6.03 -4.77 22.24
CA GLY A 219 5.04 -3.98 22.94
C GLY A 219 3.69 -4.66 22.99
N GLU A 220 2.66 -3.86 23.37
CA GLU A 220 1.32 -4.40 23.54
C GLU A 220 0.68 -4.63 22.18
N PRO A 221 -0.39 -5.43 22.10
CA PRO A 221 -0.85 -5.91 20.80
C PRO A 221 -1.45 -4.80 19.94
N LYS A 222 -1.60 -5.12 18.64
CA LYS A 222 -2.26 -4.27 17.67
C LYS A 222 -3.51 -5.00 17.17
N THR A 223 -4.68 -4.38 17.32
CA THR A 223 -5.95 -5.01 16.95
C THR A 223 -6.32 -4.61 15.52
N TRP A 224 -6.71 -5.60 14.69
CA TRP A 224 -7.02 -5.37 13.27
C TRP A 224 -8.43 -5.80 12.91
N TYR A 225 -9.03 -5.09 11.95
CA TYR A 225 -10.23 -5.50 11.23
C TYR A 225 -9.94 -5.53 9.73
N GLY A 226 -10.40 -6.56 9.03
CA GLY A 226 -10.13 -6.70 7.61
C GLY A 226 -11.34 -7.19 6.83
N VAL A 227 -11.35 -6.84 5.54
CA VAL A 227 -12.44 -7.14 4.60
C VAL A 227 -11.87 -7.71 3.30
N PRO A 228 -12.41 -8.80 2.75
CA PRO A 228 -11.83 -9.38 1.54
C PRO A 228 -11.93 -8.48 0.33
N GLY A 229 -10.97 -8.64 -0.58
CA GLY A 229 -10.96 -7.84 -1.80
C GLY A 229 -12.27 -7.86 -2.58
N TYR A 230 -12.98 -8.99 -2.55
CA TYR A 230 -14.21 -9.08 -3.34
C TYR A 230 -15.31 -8.17 -2.83
N ALA A 231 -15.23 -7.72 -1.57
CA ALA A 231 -16.27 -6.90 -0.96
C ALA A 231 -15.91 -5.41 -0.92
N ALA A 232 -14.87 -5.02 -1.65
CA ALA A 232 -14.40 -3.63 -1.60
C ALA A 232 -15.50 -2.64 -1.98
N GLU A 233 -16.18 -2.87 -3.10
CA GLU A 233 -17.18 -1.88 -3.54
C GLU A 233 -18.42 -1.90 -2.65
N GLN A 234 -18.75 -3.07 -2.11
CA GLN A 234 -19.80 -3.17 -1.10
C GLN A 234 -19.51 -2.26 0.11
N LEU A 235 -18.28 -2.32 0.64
CA LEU A 235 -17.92 -1.48 1.77
C LEU A 235 -17.98 -0.01 1.41
N GLU A 236 -17.53 0.33 0.20
CA GLU A 236 -17.52 1.73 -0.21
C GLU A 236 -18.94 2.28 -0.34
N ASN A 237 -19.88 1.49 -0.87
CA ASN A 237 -21.27 1.94 -0.95
C ASN A 237 -21.87 2.18 0.44
N VAL A 238 -21.50 1.36 1.42
CA VAL A 238 -21.99 1.57 2.78
C VAL A 238 -21.45 2.88 3.33
N MET A 239 -20.16 3.15 3.10
CA MET A 239 -19.57 4.38 3.61
C MET A 239 -20.08 5.61 2.89
N LYS A 240 -20.36 5.51 1.58
CA LYS A 240 -20.96 6.65 0.87
C LYS A 240 -22.29 7.05 1.48
N LYS A 241 -23.15 6.06 1.78
CA LYS A 241 -24.45 6.35 2.37
C LYS A 241 -24.31 7.04 3.72
N LEU A 242 -23.42 6.55 4.57
CA LEU A 242 -23.34 7.02 5.95
C LEU A 242 -22.45 8.25 6.14
N ALA A 243 -21.53 8.53 5.22
CA ALA A 243 -20.63 9.65 5.41
C ALA A 243 -20.19 10.20 4.05
N PRO A 244 -21.07 10.95 3.37
CA PRO A 244 -20.79 11.35 1.98
C PRO A 244 -19.67 12.37 1.86
N GLU A 245 -19.41 13.14 2.92
CA GLU A 245 -18.36 14.15 2.87
C GLU A 245 -17.00 13.56 2.51
N LEU A 246 -16.76 12.28 2.85
CA LEU A 246 -15.48 11.64 2.56
C LEU A 246 -15.27 11.35 1.08
N PHE A 247 -16.32 11.42 0.27
CA PHE A 247 -16.23 11.05 -1.13
C PHE A 247 -16.16 12.25 -2.06
N VAL A 248 -16.09 13.47 -1.52
CA VAL A 248 -15.83 14.65 -2.34
C VAL A 248 -14.36 14.62 -2.80
N SER A 249 -14.16 14.75 -4.10
CA SER A 249 -12.82 14.61 -4.68
C SER A 249 -11.90 15.74 -4.22
N GLN A 250 -10.65 15.38 -3.90
CA GLN A 250 -9.66 16.28 -3.35
C GLN A 250 -8.55 16.57 -4.37
N PRO A 251 -7.83 17.68 -4.22
CA PRO A 251 -6.91 18.12 -5.28
C PRO A 251 -5.50 17.56 -5.24
N ASP A 252 -5.18 16.67 -4.30
CA ASP A 252 -3.85 16.07 -4.26
C ASP A 252 -3.97 14.65 -3.73
N LEU A 253 -2.92 13.86 -3.96
CA LEU A 253 -2.81 12.55 -3.33
C LEU A 253 -2.41 12.67 -1.87
N LEU A 254 -2.00 13.85 -1.42
CA LEU A 254 -1.77 14.15 0.00
C LEU A 254 -3.00 14.72 0.68
N HIS A 255 -4.15 14.70 0.01
CA HIS A 255 -5.35 15.39 0.47
C HIS A 255 -6.52 14.43 0.71
N GLN A 256 -6.26 13.14 0.87
CA GLN A 256 -7.31 12.14 0.95
C GLN A 256 -7.96 12.11 2.33
N LEU A 257 -9.24 11.72 2.37
CA LEU A 257 -10.03 11.65 3.58
C LEU A 257 -10.35 10.20 3.93
N VAL A 258 -10.13 9.82 5.19
CA VAL A 258 -10.42 8.48 5.69
C VAL A 258 -11.15 8.62 7.02
N THR A 259 -11.67 7.49 7.55
CA THR A 259 -12.47 7.58 8.77
C THR A 259 -12.47 6.28 9.58
N ILE A 260 -12.81 6.44 10.87
CA ILE A 260 -13.10 5.34 11.78
C ILE A 260 -14.56 4.92 11.60
N MET A 261 -14.82 3.62 11.47
CA MET A 261 -16.19 3.15 11.39
C MET A 261 -16.34 1.76 12.03
N ASN A 262 -17.36 1.61 12.88
CA ASN A 262 -17.57 0.39 13.64
C ASN A 262 -17.76 -0.81 12.71
N PRO A 263 -16.98 -1.88 12.83
CA PRO A 263 -17.21 -3.04 11.94
C PRO A 263 -18.60 -3.65 12.09
N ASN A 264 -19.27 -3.50 13.24
CA ASN A 264 -20.65 -4.02 13.37
C ASN A 264 -21.60 -3.31 12.41
N THR A 265 -21.30 -2.07 12.04
CA THR A 265 -22.10 -1.39 11.02
C THR A 265 -21.92 -2.04 9.66
N LEU A 266 -20.68 -2.34 9.28
CA LEU A 266 -20.45 -3.08 8.04
C LEU A 266 -21.16 -4.43 8.07
N MET A 267 -21.08 -5.14 9.21
CA MET A 267 -21.69 -6.46 9.30
C MET A 267 -23.20 -6.38 9.25
N THR A 268 -23.80 -5.33 9.81
CA THR A 268 -25.25 -5.14 9.66
C THR A 268 -25.63 -4.98 8.19
N HIS A 269 -24.75 -4.43 7.36
CA HIS A 269 -25.06 -4.27 5.94
C HIS A 269 -24.50 -5.40 5.09
N GLU A 270 -24.19 -6.55 5.71
CA GLU A 270 -23.80 -7.78 5.04
C GLU A 270 -22.42 -7.68 4.39
N VAL A 271 -21.54 -6.85 4.92
CA VAL A 271 -20.14 -6.83 4.50
C VAL A 271 -19.36 -7.77 5.40
N PRO A 272 -18.65 -8.75 4.86
CA PRO A 272 -17.86 -9.65 5.72
C PRO A 272 -16.65 -8.94 6.31
N VAL A 273 -16.46 -9.08 7.63
CA VAL A 273 -15.39 -8.47 8.39
C VAL A 273 -14.76 -9.53 9.29
N TYR A 274 -13.43 -9.55 9.37
CA TYR A 274 -12.67 -10.40 10.28
C TYR A 274 -11.77 -9.57 11.19
N ARG A 275 -11.41 -10.12 12.35
CA ARG A 275 -10.57 -9.44 13.32
C ARG A 275 -9.35 -10.29 13.69
N THR A 276 -8.36 -9.64 14.31
CA THR A 276 -7.30 -10.37 14.99
C THR A 276 -6.55 -9.41 15.93
N ASN A 277 -5.98 -9.97 17.00
CA ASN A 277 -4.97 -9.29 17.82
C ASN A 277 -3.60 -9.77 17.39
N GLN A 278 -2.79 -8.86 16.84
CA GLN A 278 -1.41 -9.16 16.48
C GLN A 278 -0.52 -8.89 17.68
N CYS A 279 0.21 -9.91 18.14
CA CYS A 279 1.13 -9.77 19.25
C CYS A 279 2.57 -9.61 18.76
N ALA A 280 3.44 -9.19 19.69
CA ALA A 280 4.86 -9.02 19.40
C ALA A 280 5.46 -10.28 18.80
N GLY A 281 6.23 -10.11 17.72
CA GLY A 281 6.84 -11.23 17.00
C GLY A 281 5.94 -11.83 15.95
N GLU A 282 4.74 -11.29 15.71
CA GLU A 282 3.90 -11.82 14.63
C GLU A 282 3.72 -10.85 13.48
N PHE A 283 3.41 -11.43 12.31
CA PHE A 283 3.15 -10.71 11.07
C PHE A 283 1.67 -10.72 10.77
N VAL A 284 1.17 -9.62 10.21
CA VAL A 284 -0.14 -9.58 9.54
C VAL A 284 0.10 -9.22 8.08
N ILE A 285 -0.61 -9.92 7.18
CA ILE A 285 -0.52 -9.69 5.73
C ILE A 285 -1.89 -9.25 5.21
N THR A 286 -1.94 -8.17 4.43
CA THR A 286 -3.18 -7.75 3.76
C THR A 286 -3.07 -7.99 2.25
N PHE A 287 -4.19 -8.41 1.64
CA PHE A 287 -4.23 -8.84 0.24
C PHE A 287 -4.75 -7.73 -0.67
N PRO A 288 -4.57 -7.82 -1.99
CA PRO A 288 -4.93 -6.69 -2.87
C PRO A 288 -6.39 -6.26 -2.73
N ARG A 289 -6.58 -4.94 -2.58
CA ARG A 289 -7.88 -4.30 -2.47
C ARG A 289 -8.66 -4.74 -1.21
N ALA A 290 -7.96 -5.29 -0.21
CA ALA A 290 -8.60 -5.65 1.07
C ALA A 290 -8.60 -4.45 2.02
N TYR A 291 -9.79 -3.94 2.32
CA TYR A 291 -9.88 -2.84 3.30
C TYR A 291 -9.45 -3.30 4.69
N HIS A 292 -8.80 -2.43 5.45
CA HIS A 292 -8.43 -2.75 6.82
C HIS A 292 -8.35 -1.49 7.67
N SER A 293 -8.53 -1.67 8.99
CA SER A 293 -8.42 -0.62 10.01
C SER A 293 -8.05 -1.28 11.33
N GLY A 294 -7.82 -0.47 12.36
CA GLY A 294 -7.48 -1.04 13.65
C GLY A 294 -7.01 0.01 14.64
N PHE A 295 -6.47 -0.47 15.77
CA PHE A 295 -6.00 0.40 16.83
C PHE A 295 -5.00 -0.36 17.69
N ASN A 296 -4.14 0.40 18.35
CA ASN A 296 -3.10 -0.13 19.19
C ASN A 296 -3.63 -0.28 20.62
N GLN A 297 -3.27 -1.39 21.28
CA GLN A 297 -3.72 -1.66 22.65
C GLN A 297 -2.91 -0.91 23.71
N GLY A 298 -1.77 -0.36 23.35
CA GLY A 298 -0.85 0.26 24.31
C GLY A 298 0.42 0.64 23.57
N PHE A 299 1.47 0.97 24.32
CA PHE A 299 2.76 1.36 23.75
C PHE A 299 3.37 0.20 22.93
N ASN A 300 3.74 0.45 21.67
CA ASN A 300 4.28 -0.62 20.82
C ASN A 300 5.01 -0.03 19.61
N PHE A 301 5.63 -0.92 18.82
CA PHE A 301 6.50 -0.50 17.72
C PHE A 301 6.42 -1.51 16.58
N ALA A 302 5.95 -1.07 15.42
CA ALA A 302 5.70 -1.94 14.28
C ALA A 302 6.38 -1.37 13.05
N GLU A 303 6.54 -2.23 12.04
CA GLU A 303 7.20 -1.89 10.78
C GLU A 303 6.43 -2.58 9.66
N ALA A 304 6.20 -1.86 8.54
CA ALA A 304 5.36 -2.39 7.45
C ALA A 304 5.88 -1.92 6.09
N VAL A 305 5.54 -2.70 5.05
CA VAL A 305 5.99 -2.38 3.68
C VAL A 305 4.98 -2.93 2.69
N ASN A 306 4.80 -2.20 1.58
CA ASN A 306 3.99 -2.66 0.47
C ASN A 306 4.78 -3.64 -0.39
N PHE A 307 4.07 -4.51 -1.11
CA PHE A 307 4.77 -5.33 -2.10
C PHE A 307 3.80 -5.86 -3.15
N CYS A 308 4.37 -6.30 -4.26
CA CYS A 308 3.62 -6.70 -5.45
C CYS A 308 4.20 -8.00 -6.00
N THR A 309 3.39 -9.05 -6.06
CA THR A 309 3.79 -10.32 -6.64
C THR A 309 3.23 -10.43 -8.06
N VAL A 310 3.58 -11.53 -8.75
CA VAL A 310 3.05 -11.76 -10.09
C VAL A 310 1.54 -11.96 -10.06
N ASP A 311 1.02 -12.55 -8.96
CA ASP A 311 -0.43 -12.64 -8.78
C ASP A 311 -1.09 -11.28 -8.93
N TRP A 312 -0.42 -10.22 -8.46
CA TRP A 312 -1.02 -8.90 -8.39
C TRP A 312 -1.08 -8.18 -9.74
N LEU A 313 -0.20 -8.54 -10.70
CA LEU A 313 -0.05 -7.74 -11.92
C LEU A 313 -1.36 -7.39 -12.62
N PRO A 314 -2.29 -8.33 -12.89
CA PRO A 314 -3.54 -7.91 -13.55
C PRO A 314 -4.37 -6.96 -12.71
N LEU A 315 -4.39 -7.16 -11.39
CA LEU A 315 -5.10 -6.24 -10.50
C LEU A 315 -4.50 -4.85 -10.55
N GLY A 316 -3.17 -4.77 -10.67
CA GLY A 316 -2.54 -3.48 -10.82
C GLY A 316 -3.03 -2.75 -12.07
N ARG A 317 -3.19 -3.48 -13.19
CA ARG A 317 -3.74 -2.83 -14.39
C ARG A 317 -5.19 -2.40 -14.16
N GLN A 318 -5.97 -3.26 -13.52
N GLN A 318 -5.99 -3.28 -13.54
CA GLN A 318 -7.37 -2.90 -13.25
CA GLN A 318 -7.37 -2.92 -13.22
C GLN A 318 -7.47 -1.74 -12.26
C GLN A 318 -7.43 -1.70 -12.31
N CYS A 319 -6.50 -1.60 -11.35
CA CYS A 319 -6.50 -0.47 -10.44
C CYS A 319 -6.34 0.87 -11.18
N VAL A 320 -5.37 0.94 -12.10
CA VAL A 320 -5.10 2.22 -12.78
C VAL A 320 -6.29 2.63 -13.64
N GLU A 321 -7.00 1.66 -14.21
CA GLU A 321 -8.24 1.94 -14.90
C GLU A 321 -9.29 2.52 -13.94
N HIS A 322 -9.42 1.91 -12.76
CA HIS A 322 -10.36 2.43 -11.77
C HIS A 322 -9.95 3.83 -11.32
N TYR A 323 -8.64 4.10 -11.18
CA TYR A 323 -8.21 5.46 -10.84
C TYR A 323 -8.64 6.45 -11.92
N ARG A 324 -8.56 6.04 -13.19
CA ARG A 324 -8.95 6.94 -14.28
C ARG A 324 -10.43 7.30 -14.17
N LEU A 325 -11.30 6.30 -13.98
CA LEU A 325 -12.73 6.54 -13.78
C LEU A 325 -13.00 7.55 -12.67
N LEU A 326 -12.18 7.55 -11.62
CA LEU A 326 -12.37 8.38 -10.44
C LEU A 326 -11.60 9.69 -10.51
N HIS A 327 -10.77 9.90 -11.54
CA HIS A 327 -9.91 11.08 -11.64
C HIS A 327 -8.92 11.16 -10.46
N ARG A 328 -8.43 10.02 -10.00
CA ARG A 328 -7.46 9.97 -8.90
C ARG A 328 -6.02 9.87 -9.43
N TYR A 329 -5.10 10.52 -8.73
CA TYR A 329 -3.69 10.50 -9.13
C TYR A 329 -3.08 9.11 -8.92
N CYS A 330 -2.11 8.78 -9.78
CA CYS A 330 -1.33 7.55 -9.68
C CYS A 330 -0.04 7.83 -8.92
N VAL A 331 0.49 6.80 -8.26
CA VAL A 331 1.82 6.91 -7.65
C VAL A 331 2.91 6.67 -8.69
N PHE A 332 2.67 5.76 -9.63
CA PHE A 332 3.61 5.49 -10.72
C PHE A 332 2.80 5.03 -11.93
N SER A 333 3.47 4.99 -13.07
CA SER A 333 2.85 4.44 -14.29
C SER A 333 3.01 2.92 -14.33
N HIS A 334 1.89 2.19 -14.36
CA HIS A 334 1.91 0.73 -14.51
C HIS A 334 2.56 0.31 -15.83
N ASP A 335 2.16 0.94 -16.95
CA ASP A 335 2.76 0.58 -18.24
C ASP A 335 4.27 0.83 -18.25
N GLU A 336 4.72 1.92 -17.62
CA GLU A 336 6.16 2.17 -17.57
C GLU A 336 6.89 1.03 -16.85
N MET A 337 6.31 0.54 -15.75
CA MET A 337 6.95 -0.56 -15.02
C MET A 337 7.02 -1.82 -15.89
N ILE A 338 5.93 -2.14 -16.60
CA ILE A 338 5.90 -3.31 -17.50
C ILE A 338 7.00 -3.21 -18.55
N CYS A 339 7.11 -2.05 -19.21
CA CYS A 339 8.11 -1.88 -20.27
C CYS A 339 9.51 -1.91 -19.73
N LYS A 340 9.73 -1.32 -18.55
CA LYS A 340 11.03 -1.45 -17.88
C LYS A 340 11.41 -2.92 -17.70
N MET A 341 10.48 -3.74 -17.17
CA MET A 341 10.80 -5.15 -16.98
C MET A 341 11.07 -5.84 -18.32
N ALA A 342 10.28 -5.52 -19.34
CA ALA A 342 10.52 -6.10 -20.68
C ALA A 342 11.92 -5.77 -21.18
N SER A 343 12.38 -4.55 -20.93
CA SER A 343 13.72 -4.17 -21.36
C SER A 343 14.82 -4.88 -20.58
N LYS A 344 14.49 -5.54 -19.46
CA LYS A 344 15.45 -6.32 -18.68
C LYS A 344 15.11 -7.80 -18.70
N ALA A 345 14.52 -8.29 -19.79
CA ALA A 345 13.97 -9.65 -19.81
C ALA A 345 15.04 -10.71 -19.53
N ASP A 346 16.26 -10.51 -20.04
CA ASP A 346 17.31 -11.52 -19.83
C ASP A 346 17.63 -11.79 -18.35
N VAL A 347 17.33 -10.87 -17.44
CA VAL A 347 17.67 -11.07 -16.04
C VAL A 347 16.45 -11.34 -15.17
N LEU A 348 15.27 -11.50 -15.77
CA LEU A 348 14.08 -11.71 -14.97
C LEU A 348 13.94 -13.16 -14.57
N ASP A 349 13.40 -13.39 -13.38
CA ASP A 349 12.86 -14.69 -13.03
C ASP A 349 11.93 -15.19 -14.14
N VAL A 350 11.98 -16.50 -14.42
CA VAL A 350 11.25 -16.98 -15.60
C VAL A 350 9.73 -16.93 -15.38
N VAL A 351 9.26 -17.15 -14.15
CA VAL A 351 7.83 -17.05 -13.90
C VAL A 351 7.38 -15.60 -13.98
N VAL A 352 8.23 -14.67 -13.51
CA VAL A 352 7.96 -13.25 -13.68
C VAL A 352 7.86 -12.93 -15.17
N ALA A 353 8.81 -13.41 -15.97
CA ALA A 353 8.82 -13.10 -17.39
C ALA A 353 7.53 -13.57 -18.05
N SER A 354 7.08 -14.78 -17.70
CA SER A 354 5.85 -15.34 -18.26
C SER A 354 4.63 -14.47 -17.94
N THR A 355 4.52 -14.00 -16.69
CA THR A 355 3.38 -13.21 -16.26
C THR A 355 3.41 -11.80 -16.84
N VAL A 356 4.58 -11.18 -16.90
CA VAL A 356 4.70 -9.88 -17.54
C VAL A 356 4.35 -9.96 -19.02
N GLN A 357 4.76 -11.05 -19.67
CA GLN A 357 4.43 -11.19 -21.09
C GLN A 357 2.92 -11.14 -21.32
N LYS A 358 2.14 -11.80 -20.44
CA LYS A 358 0.68 -11.78 -20.60
C LYS A 358 0.09 -10.40 -20.40
N ASP A 359 0.55 -9.65 -19.39
CA ASP A 359 0.06 -8.28 -19.18
C ASP A 359 0.44 -7.40 -20.36
N MET A 360 1.64 -7.59 -20.91
CA MET A 360 2.08 -6.77 -22.02
C MET A 360 1.22 -7.02 -23.27
N ALA A 361 0.77 -8.26 -23.48
CA ALA A 361 -0.07 -8.53 -24.65
C ALA A 361 -1.38 -7.76 -24.58
N ILE A 362 -1.97 -7.66 -23.39
CA ILE A 362 -3.17 -6.87 -23.18
C ILE A 362 -2.88 -5.39 -23.41
N MET A 363 -1.78 -4.91 -22.84
CA MET A 363 -1.39 -3.52 -23.04
C MET A 363 -1.30 -3.17 -24.52
N ILE A 364 -0.68 -4.05 -25.30
CA ILE A 364 -0.42 -3.70 -26.69
C ILE A 364 -1.71 -3.68 -27.48
N GLU A 365 -2.60 -4.65 -27.23
CA GLU A 365 -3.89 -4.65 -27.91
C GLU A 365 -4.74 -3.44 -27.53
N ASP A 366 -4.78 -3.05 -26.25
CA ASP A 366 -5.52 -1.86 -25.87
C ASP A 366 -4.96 -0.61 -26.55
N GLU A 367 -3.63 -0.52 -26.63
CA GLU A 367 -2.99 0.68 -27.18
C GLU A 367 -3.26 0.77 -28.68
N LYS A 368 -3.23 -0.37 -29.37
CA LYS A 368 -3.55 -0.40 -30.80
C LYS A 368 -4.96 0.14 -31.07
N ALA A 369 -5.93 -0.28 -30.26
CA ALA A 369 -7.30 0.20 -30.46
C ALA A 369 -7.44 1.68 -30.14
N LEU A 370 -6.77 2.15 -29.08
CA LEU A 370 -6.84 3.57 -28.73
C LEU A 370 -6.25 4.44 -29.83
N ARG A 371 -5.10 4.02 -30.39
CA ARG A 371 -4.47 4.81 -31.44
C ARG A 371 -5.34 4.83 -32.69
N GLU A 372 -6.07 3.74 -32.98
CA GLU A 372 -6.94 3.75 -34.15
C GLU A 372 -8.10 4.72 -33.94
N THR A 373 -8.64 4.77 -32.72
CA THR A 373 -9.73 5.71 -32.42
C THR A 373 -9.29 7.16 -32.58
N VAL A 374 -8.10 7.53 -32.07
CA VAL A 374 -7.74 8.94 -32.15
C VAL A 374 -7.38 9.33 -33.59
N ARG A 375 -6.85 8.39 -34.40
CA ARG A 375 -6.62 8.71 -35.82
C ARG A 375 -7.93 9.02 -36.53
N LYS A 376 -9.00 8.31 -36.16
CA LYS A 376 -10.30 8.56 -36.78
C LYS A 376 -10.91 9.87 -36.31
N LEU A 377 -10.43 10.44 -35.21
CA LEU A 377 -10.88 11.77 -34.77
C LEU A 377 -10.17 12.89 -35.52
N GLY A 378 -9.21 12.58 -36.38
CA GLY A 378 -8.51 13.58 -37.16
C GLY A 378 -7.18 14.03 -36.60
N VAL A 379 -6.61 13.31 -35.62
CA VAL A 379 -5.23 13.52 -35.17
C VAL A 379 -4.29 12.79 -36.12
N ILE A 380 -3.46 13.55 -36.84
CA ILE A 380 -2.64 13.00 -37.92
C ILE A 380 -1.15 13.08 -37.59
N ASP A 381 -0.67 14.24 -37.16
CA ASP A 381 0.73 14.39 -36.81
C ASP A 381 1.11 13.54 -35.59
N SER A 382 2.37 13.09 -35.53
CA SER A 382 2.84 12.31 -34.38
C SER A 382 4.35 12.55 -34.20
N GLU A 383 4.84 12.30 -32.98
CA GLU A 383 6.27 12.36 -32.70
C GLU A 383 6.59 11.51 -31.48
N ARG A 384 7.72 10.79 -31.51
CA ARG A 384 8.15 10.01 -30.36
C ARG A 384 8.44 10.95 -29.18
N MET A 385 8.15 10.47 -27.97
CA MET A 385 8.46 11.26 -26.76
C MET A 385 8.87 10.34 -25.63
N ASP A 386 10.01 10.64 -24.98
CA ASP A 386 10.52 9.86 -23.83
C ASP A 386 9.81 10.28 -22.54
N PHE A 387 8.60 9.75 -22.34
CA PHE A 387 7.75 10.17 -21.22
C PHE A 387 8.44 9.98 -19.87
N GLU A 388 9.28 8.96 -19.75
CA GLU A 388 9.85 8.64 -18.45
C GLU A 388 10.81 9.74 -17.96
N LEU A 389 11.23 10.67 -18.84
CA LEU A 389 12.12 11.77 -18.43
C LEU A 389 11.36 12.95 -17.80
N LEU A 390 10.06 13.03 -17.99
CA LEU A 390 9.27 14.14 -17.47
C LEU A 390 8.93 13.91 -16.00
N PRO A 391 9.04 14.95 -15.16
CA PRO A 391 8.43 14.87 -13.83
C PRO A 391 6.97 14.47 -13.95
N ASP A 392 6.48 13.76 -12.95
CA ASP A 392 5.12 13.22 -13.01
C ASP A 392 4.07 14.32 -13.16
N ASP A 393 4.23 15.43 -12.44
CA ASP A 393 3.24 16.49 -12.54
C ASP A 393 3.30 17.18 -13.90
N GLU A 394 4.25 16.83 -14.76
CA GLU A 394 4.27 17.34 -16.11
C GLU A 394 3.72 16.35 -17.13
N ARG A 395 3.23 15.19 -16.69
CA ARG A 395 2.67 14.26 -17.67
C ARG A 395 1.40 13.57 -17.15
N GLN A 396 0.54 14.33 -16.45
CA GLN A 396 -0.78 13.84 -16.03
C GLN A 396 -1.85 14.33 -16.99
N CYS A 397 -2.84 13.48 -17.27
CA CYS A 397 -3.94 13.87 -18.13
C CYS A 397 -4.74 15.02 -17.50
N VAL A 398 -4.99 16.07 -18.30
CA VAL A 398 -5.75 17.23 -17.85
C VAL A 398 -7.10 16.80 -17.24
N LYS A 399 -7.73 15.81 -17.84
CA LYS A 399 -9.06 15.41 -17.41
C LYS A 399 -9.03 14.42 -16.25
N CYS A 400 -8.38 13.26 -16.42
CA CYS A 400 -8.53 12.17 -15.47
C CYS A 400 -7.33 12.00 -14.54
N LYS A 401 -6.28 12.82 -14.70
CA LYS A 401 -5.07 12.86 -13.87
C LYS A 401 -4.17 11.63 -14.01
N THR A 402 -4.43 10.73 -14.96
CA THR A 402 -3.59 9.56 -15.07
C THR A 402 -2.18 9.96 -15.49
N THR A 403 -1.18 9.19 -15.03
CA THR A 403 0.19 9.43 -15.44
C THR A 403 0.42 8.78 -16.81
N CYS A 404 0.72 9.59 -17.83
CA CYS A 404 0.90 9.06 -19.18
C CYS A 404 2.27 8.39 -19.36
N PHE A 405 2.31 7.37 -20.23
CA PHE A 405 3.58 6.77 -20.62
C PHE A 405 3.54 6.21 -22.04
N MET A 406 2.54 5.38 -22.38
CA MET A 406 2.49 4.81 -23.72
C MET A 406 2.23 5.90 -24.77
N SER A 407 1.32 6.85 -24.50
CA SER A 407 1.00 7.93 -25.44
C SER A 407 0.13 9.00 -24.79
N ALA A 408 0.08 10.18 -25.43
CA ALA A 408 -0.75 11.29 -25.01
C ALA A 408 -0.98 12.21 -26.22
N ILE A 409 -1.90 13.16 -26.09
CA ILE A 409 -2.17 14.17 -27.11
C ILE A 409 -1.72 15.53 -26.59
N SER A 410 -1.00 16.29 -27.44
CA SER A 410 -0.62 17.66 -27.14
C SER A 410 -1.14 18.58 -28.23
N CYS A 411 -1.14 19.88 -27.93
CA CYS A 411 -1.50 20.90 -28.90
C CYS A 411 -0.67 22.16 -28.64
N SER A 412 -0.14 22.75 -29.69
CA SER A 412 0.62 23.99 -29.52
C SER A 412 -0.25 25.15 -29.04
N CYS A 413 -1.58 25.08 -29.25
CA CYS A 413 -2.51 26.05 -28.66
C CYS A 413 -2.38 26.13 -27.13
N LYS A 414 -1.99 25.03 -26.48
CA LYS A 414 -1.90 24.98 -25.02
C LYS A 414 -0.59 24.29 -24.64
N PRO A 415 0.52 25.04 -24.69
CA PRO A 415 1.83 24.40 -24.54
C PRO A 415 1.99 23.73 -23.18
N GLY A 416 2.53 22.52 -23.19
CA GLY A 416 2.80 21.79 -21.98
C GLY A 416 1.65 20.96 -21.44
N LEU A 417 0.45 21.11 -21.96
CA LEU A 417 -0.68 20.30 -21.47
C LEU A 417 -0.81 18.99 -22.26
N LEU A 418 -1.27 17.95 -21.57
CA LEU A 418 -1.47 16.63 -22.16
C LEU A 418 -2.82 16.06 -21.74
N VAL A 419 -3.43 15.29 -22.64
CA VAL A 419 -4.54 14.39 -22.29
C VAL A 419 -4.16 12.97 -22.69
N CYS A 420 -4.65 11.98 -21.93
CA CYS A 420 -4.52 10.61 -22.39
C CYS A 420 -5.46 10.38 -23.57
N LEU A 421 -5.35 9.20 -24.19
CA LEU A 421 -6.08 8.99 -25.43
C LEU A 421 -7.57 8.75 -25.20
N HIS A 422 -8.01 8.65 -23.94
CA HIS A 422 -9.44 8.61 -23.64
C HIS A 422 -10.07 9.98 -23.61
N HIS A 423 -9.28 11.04 -23.58
CA HIS A 423 -9.81 12.38 -23.33
C HIS A 423 -9.33 13.39 -24.36
N VAL A 424 -9.27 12.95 -25.62
CA VAL A 424 -8.86 13.84 -26.71
C VAL A 424 -9.72 15.10 -26.76
N LYS A 425 -11.03 14.97 -26.48
CA LYS A 425 -11.90 16.15 -26.61
C LYS A 425 -11.72 17.16 -25.47
N GLU A 426 -10.91 16.87 -24.45
CA GLU A 426 -10.82 17.71 -23.26
C GLU A 426 -9.58 18.60 -23.24
N LEU A 427 -8.82 18.67 -24.33
CA LEU A 427 -7.53 19.35 -24.27
C LEU A 427 -7.64 20.85 -24.53
N CYS A 428 -8.30 21.26 -25.61
CA CYS A 428 -8.42 22.68 -25.94
C CYS A 428 -9.46 22.82 -27.05
N SER A 429 -9.71 24.06 -27.46
CA SER A 429 -10.76 24.36 -28.44
C SER A 429 -10.32 24.18 -29.89
N CYS A 430 -9.02 24.04 -30.16
CA CYS A 430 -8.53 23.98 -31.54
C CYS A 430 -8.97 22.68 -32.23
N PRO A 431 -9.13 22.68 -33.55
CA PRO A 431 -9.50 21.44 -34.26
C PRO A 431 -8.41 20.40 -34.14
N PRO A 432 -8.76 19.12 -34.24
CA PRO A 432 -7.77 18.06 -33.98
C PRO A 432 -6.65 17.95 -35.00
N TYR A 433 -6.78 18.51 -36.22
CA TYR A 433 -5.61 18.47 -37.09
C TYR A 433 -4.45 19.30 -36.56
N LYS A 434 -4.69 20.15 -35.55
CA LYS A 434 -3.60 20.87 -34.89
C LYS A 434 -2.98 20.09 -33.74
N TYR A 435 -3.49 18.90 -33.44
CA TYR A 435 -2.98 18.11 -32.34
C TYR A 435 -1.81 17.24 -32.82
N LYS A 436 -1.10 16.65 -31.86
CA LYS A 436 -0.01 15.75 -32.14
C LYS A 436 -0.14 14.54 -31.21
N LEU A 437 -0.03 13.34 -31.77
CA LEU A 437 0.12 12.13 -30.95
C LEU A 437 1.58 12.01 -30.50
N ARG A 438 1.82 12.05 -29.20
CA ARG A 438 3.17 11.80 -28.67
C ARG A 438 3.21 10.37 -28.13
N TYR A 439 4.19 9.57 -28.58
CA TYR A 439 4.17 8.15 -28.24
C TYR A 439 5.56 7.68 -27.79
N ARG A 440 5.59 6.71 -26.87
CA ARG A 440 6.88 6.19 -26.42
C ARG A 440 7.46 5.18 -27.40
N TYR A 441 6.64 4.25 -27.92
CA TYR A 441 7.06 3.19 -28.82
C TYR A 441 6.11 3.09 -30.00
N THR A 442 6.64 2.75 -31.19
CA THR A 442 5.76 2.28 -32.25
C THR A 442 5.33 0.84 -31.94
N LEU A 443 4.25 0.40 -32.57
CA LEU A 443 3.85 -1.00 -32.45
C LEU A 443 4.99 -1.95 -32.79
N ASP A 444 5.80 -1.59 -33.80
CA ASP A 444 6.91 -2.44 -34.22
C ASP A 444 8.04 -2.50 -33.20
N ASP A 445 8.21 -1.47 -32.35
CA ASP A 445 9.14 -1.59 -31.22
C ASP A 445 8.60 -2.57 -30.17
N LEU A 446 7.28 -2.59 -29.99
CA LEU A 446 6.71 -3.30 -28.85
C LEU A 446 6.75 -4.83 -29.03
N TYR A 447 6.47 -5.33 -30.24
CA TYR A 447 6.41 -6.78 -30.41
C TYR A 447 7.73 -7.49 -30.12
N PRO A 448 8.89 -7.01 -30.58
CA PRO A 448 10.15 -7.65 -30.15
C PRO A 448 10.38 -7.60 -28.64
N MET A 449 9.92 -6.55 -27.96
CA MET A 449 10.07 -6.51 -26.51
C MET A 449 9.29 -7.64 -25.87
N MET A 450 8.07 -7.89 -26.34
CA MET A 450 7.30 -8.98 -25.80
C MET A 450 7.91 -10.34 -26.16
N ASN A 451 8.56 -10.44 -27.31
CA ASN A 451 9.21 -11.69 -27.70
C ASN A 451 10.41 -12.02 -26.82
N ALA A 452 11.16 -11.00 -26.39
CA ALA A 452 12.25 -11.27 -25.45
C ALA A 452 11.73 -11.91 -24.18
N LEU A 453 10.57 -11.48 -23.71
CA LEU A 453 10.00 -12.08 -22.50
C LEU A 453 9.60 -13.52 -22.74
N LYS A 454 9.07 -13.83 -23.92
CA LYS A 454 8.65 -15.20 -24.21
C LYS A 454 9.85 -16.13 -24.29
N LEU A 455 10.93 -15.70 -24.96
CA LEU A 455 12.16 -16.48 -25.00
C LEU A 455 12.67 -16.76 -23.59
N ARG A 456 12.71 -15.73 -22.75
CA ARG A 456 13.16 -15.93 -21.37
C ARG A 456 12.24 -16.90 -20.64
N ALA A 457 10.91 -16.80 -20.88
CA ALA A 457 9.97 -17.64 -20.14
C ALA A 457 10.02 -19.08 -20.62
N GLU A 458 10.19 -19.30 -21.94
CA GLU A 458 10.12 -20.64 -22.50
C GLU A 458 11.35 -21.48 -22.19
N SER A 459 12.44 -20.87 -21.74
CA SER A 459 13.62 -21.61 -21.33
C SER A 459 13.43 -22.19 -19.93
ZN ZN B . -7.39 11.03 -19.32
MN MN C . -15.74 10.83 20.66
MN MN D . -2.51 -0.41 5.33
S DMS E . 2.85 0.54 4.75
O DMS E . 2.03 0.71 6.01
C1 DMS E . 2.07 -0.80 3.81
C2 DMS E . 2.51 1.93 3.61
S DMS F . -9.32 3.81 -4.99
O DMS F . -10.68 4.38 -4.69
C1 DMS F . -8.49 3.60 -3.38
C2 DMS F . -9.57 2.13 -5.58
S DMS G . 11.55 2.47 -19.79
O DMS G . 10.20 2.32 -19.20
C1 DMS G . 11.96 1.06 -20.85
C2 DMS G . 11.64 3.82 -20.99
N B7Q H . -0.69 1.19 11.80
C B7Q H . -0.52 2.09 12.87
O B7Q H . -0.37 1.68 14.02
C1 B7Q H . -1.01 1.54 10.52
C10 B7Q H . -0.99 5.20 10.61
C11 B7Q H . -0.53 5.64 9.38
C12 B7Q H . -0.79 7.77 8.00
C13 B7Q H . 0.61 8.26 7.68
C14 B7Q H . 0.61 9.10 6.40
C15 B7Q H . 0.63 8.10 4.09
C16 B7Q H . -0.07 7.14 3.15
C17 B7Q H . -1.35 7.92 5.57
C18 B7Q H . -1.40 7.04 6.81
C19 B7Q H . -1.63 6.34 11.15
C2 B7Q H . -1.19 0.34 9.83
C3 B7Q H . -1.69 0.19 8.49
C4 B7Q H . -0.90 -0.66 10.76
C5 B7Q H . -0.62 3.49 12.51
C6 B7Q H . -0.43 4.55 13.59
C7 B7Q H . 0.86 4.34 14.45
C8 B7Q H . -1.67 4.73 14.49
C9 B7Q H . -0.90 3.85 11.19
N1 B7Q H . -1.10 2.88 10.21
N2 B7Q H . -2.09 -0.01 7.43
N3 B7Q H . -0.59 -0.18 11.96
N4 B7Q H . -0.92 6.92 9.24
N5 B7Q H . 0.02 8.35 5.28
N6 B7Q H . -1.59 7.38 10.33
O1 B7Q H . 1.72 8.59 3.81
CL B7Q H . 1.04 5.87 2.55
C1 EDO I . -4.45 6.28 8.84
O1 EDO I . -5.03 5.32 7.95
C2 EDO I . -5.51 7.02 9.64
O2 EDO I . -4.88 7.89 10.57
C1 EDO J . 9.12 8.07 13.36
O1 EDO J . 9.47 6.90 12.64
C2 EDO J . 7.70 7.85 13.88
O2 EDO J . 7.43 6.43 13.90
#